data_3MWK
#
_entry.id   3MWK
#
_cell.length_a   91.916
_cell.length_b   91.916
_cell.length_c   108.006
_cell.angle_alpha   90.00
_cell.angle_beta   90.00
_cell.angle_gamma   90.00
#
_symmetry.space_group_name_H-M   'P 41 21 2'
#
loop_
_entity.id
_entity.type
_entity.pdbx_description
1 polymer 'Heat resistant RNA dependent ATPase'
2 non-polymer 'SULFATE ION'
3 non-polymer '[(2R,3S,4R,5R)-5-(6-azanyl-8-oxo-7H-purin-9-yl)-3,4-dihydroxy-oxolan-2-yl]methyl dihydrogen phosphate'
4 water water
#
_entity_poly.entity_id   1
_entity_poly.type   'polypeptide(L)'
_entity_poly.pdbx_seq_one_letter_code
;MEFKDFPLKPEILEALHGRGLTTPTPIEAAALPLALEGKDLIGQARTGTGKTLAFALPIAERLAPSQERGRKPRALVLTP
TRELALQVASELTAVAPHLKVVAVYGGTGYGKQKEALLRGADAVVATPGRALDYLRQGVLDLSRVEVAVLDEADEMLSMG
FEEEVEALLSATPPSRQTLLFSATLPSWAKRLAERYMKNPVLINVIK
;
_entity_poly.pdbx_strand_id   A,B
#
# COMPACT_ATOMS: atom_id res chain seq x y z
N MET A 1 -1.30 -11.57 -3.73
CA MET A 1 -2.77 -11.62 -3.99
C MET A 1 -3.01 -11.45 -5.47
N GLU A 2 -3.95 -12.23 -5.97
CA GLU A 2 -4.43 -12.11 -7.33
C GLU A 2 -5.65 -11.23 -7.30
N PHE A 3 -6.06 -10.73 -8.45
CA PHE A 3 -7.27 -9.90 -8.49
C PHE A 3 -8.53 -10.56 -7.89
N LYS A 4 -8.61 -11.88 -8.00
CA LYS A 4 -9.72 -12.66 -7.48
C LYS A 4 -9.77 -12.65 -5.96
N ASP A 5 -8.65 -12.27 -5.36
CA ASP A 5 -8.54 -12.22 -3.91
C ASP A 5 -9.01 -10.87 -3.29
N PHE A 6 -9.38 -9.93 -4.14
CA PHE A 6 -9.95 -8.66 -3.72
C PHE A 6 -11.44 -8.72 -3.89
N PRO A 7 -12.17 -7.87 -3.13
CA PRO A 7 -13.63 -7.89 -3.19
C PRO A 7 -14.15 -7.07 -4.40
N LEU A 8 -14.03 -7.69 -5.55
CA LEU A 8 -14.45 -7.11 -6.80
C LEU A 8 -15.68 -7.81 -7.34
N LYS A 9 -16.50 -7.06 -8.03
CA LYS A 9 -17.67 -7.67 -8.66
C LYS A 9 -17.28 -8.75 -9.65
N PRO A 10 -18.06 -9.88 -9.68
CA PRO A 10 -17.69 -10.99 -10.53
C PRO A 10 -17.54 -10.56 -12.00
N GLU A 11 -18.31 -9.58 -12.44
CA GLU A 11 -18.29 -9.15 -13.85
C GLU A 11 -17.04 -8.33 -14.15
N ILE A 12 -16.50 -7.71 -13.11
CA ILE A 12 -15.27 -6.97 -13.24
C ILE A 12 -14.12 -7.97 -13.28
N LEU A 13 -14.12 -8.95 -12.37
CA LEU A 13 -13.12 -10.05 -12.47
CA LEU A 13 -13.13 -10.03 -12.44
C LEU A 13 -13.17 -10.74 -13.81
N GLU A 14 -14.37 -10.98 -14.36
CA GLU A 14 -14.48 -11.62 -15.69
C GLU A 14 -13.81 -10.77 -16.77
N ALA A 15 -14.04 -9.47 -16.70
CA ALA A 15 -13.47 -8.49 -17.64
C ALA A 15 -11.94 -8.56 -17.55
N LEU A 16 -11.41 -8.55 -16.33
CA LEU A 16 -9.94 -8.72 -16.16
C LEU A 16 -9.38 -10.01 -16.74
N HIS A 17 -10.03 -11.13 -16.41
CA HIS A 17 -9.58 -12.43 -16.84
C HIS A 17 -9.69 -12.53 -18.38
N GLY A 18 -10.68 -11.86 -18.95
CA GLY A 18 -10.88 -11.82 -20.41
C GLY A 18 -9.81 -11.03 -21.12
N ARG A 19 -9.23 -10.06 -20.42
CA ARG A 19 -8.03 -9.36 -20.91
C ARG A 19 -6.74 -10.06 -20.60
N GLY A 20 -6.80 -11.23 -19.96
CA GLY A 20 -5.59 -11.98 -19.53
C GLY A 20 -4.86 -11.42 -18.32
N LEU A 21 -5.57 -10.69 -17.48
CA LEU A 21 -4.93 -9.99 -16.34
C LEU A 21 -5.42 -10.61 -15.05
N THR A 22 -4.50 -11.27 -14.34
CA THR A 22 -4.87 -11.99 -13.13
C THR A 22 -4.23 -11.43 -11.91
N THR A 23 -3.11 -10.73 -12.09
CA THR A 23 -2.25 -10.41 -10.95
C THR A 23 -1.95 -8.92 -10.88
N PRO A 24 -2.26 -8.25 -9.76
CA PRO A 24 -1.83 -6.85 -9.67
C PRO A 24 -0.32 -6.73 -9.60
N THR A 25 0.14 -5.57 -10.06
CA THR A 25 1.54 -5.13 -9.82
C THR A 25 1.60 -4.71 -8.34
N PRO A 26 2.82 -4.52 -7.82
CA PRO A 26 2.91 -4.19 -6.39
C PRO A 26 2.11 -2.89 -6.05
N ILE A 27 2.24 -1.85 -6.89
CA ILE A 27 1.51 -0.61 -6.62
C ILE A 27 0.01 -0.85 -6.57
N GLU A 28 -0.48 -1.64 -7.52
CA GLU A 28 -1.89 -1.97 -7.61
C GLU A 28 -2.35 -2.74 -6.36
N ALA A 29 -1.56 -3.73 -5.97
CA ALA A 29 -1.88 -4.59 -4.82
C ALA A 29 -1.99 -3.78 -3.54
N ALA A 30 -1.00 -2.93 -3.30
CA ALA A 30 -0.99 -2.14 -2.11
C ALA A 30 -2.04 -1.04 -2.12
N ALA A 31 -2.32 -0.49 -3.30
CA ALA A 31 -3.31 0.58 -3.42
C ALA A 31 -4.75 0.11 -3.27
N LEU A 32 -5.05 -1.05 -3.81
CA LEU A 32 -6.45 -1.43 -3.97
C LEU A 32 -7.30 -1.40 -2.68
N PRO A 33 -6.78 -1.91 -1.53
CA PRO A 33 -7.67 -1.95 -0.36
C PRO A 33 -8.17 -0.57 0.02
N LEU A 34 -7.28 0.39 0.01
CA LEU A 34 -7.64 1.77 0.33
C LEU A 34 -8.45 2.43 -0.78
N ALA A 35 -8.08 2.21 -2.03
CA ALA A 35 -8.77 2.86 -3.15
C ALA A 35 -10.20 2.35 -3.28
N LEU A 36 -10.38 1.06 -3.10
CA LEU A 36 -11.71 0.45 -3.17
C LEU A 36 -12.64 0.94 -2.03
N GLU A 37 -12.02 1.42 -0.95
CA GLU A 37 -12.77 2.00 0.14
C GLU A 37 -12.91 3.53 0.04
N GLY A 38 -12.53 4.09 -1.09
CA GLY A 38 -12.78 5.47 -1.39
C GLY A 38 -11.75 6.45 -0.86
N LYS A 39 -10.64 5.95 -0.36
CA LYS A 39 -9.62 6.77 0.27
C LYS A 39 -8.66 7.39 -0.78
N ASP A 40 -8.07 8.53 -0.44
CA ASP A 40 -7.09 9.20 -1.29
C ASP A 40 -5.73 8.56 -1.10
N LEU A 41 -5.00 8.47 -2.20
CA LEU A 41 -3.70 7.79 -2.27
CA LEU A 41 -3.67 7.92 -2.15
C LEU A 41 -2.78 8.52 -3.22
N ILE A 42 -1.49 8.51 -2.90
CA ILE A 42 -0.41 8.89 -3.78
C ILE A 42 0.36 7.61 -4.11
N GLY A 43 0.38 7.28 -5.37
CA GLY A 43 1.10 6.09 -5.79
C GLY A 43 2.36 6.53 -6.53
N GLN A 44 3.51 6.21 -5.95
CA GLN A 44 4.77 6.53 -6.58
C GLN A 44 5.32 5.28 -7.25
N ALA A 45 5.16 5.22 -8.56
CA ALA A 45 5.55 4.05 -9.38
C ALA A 45 6.09 4.62 -10.68
N ARG A 46 6.86 3.78 -11.42
CA ARG A 46 7.44 4.27 -12.63
C ARG A 46 6.42 4.69 -13.67
N THR A 47 6.82 5.60 -14.50
CA THR A 47 6.07 6.06 -15.64
CA THR A 47 5.93 6.01 -15.54
C THR A 47 5.71 4.87 -16.54
N GLY A 48 4.58 4.90 -17.19
CA GLY A 48 4.22 3.93 -18.14
C GLY A 48 3.23 2.94 -17.61
N THR A 49 3.31 1.73 -18.13
CA THR A 49 2.38 0.72 -17.75
C THR A 49 2.64 0.26 -16.31
N GLY A 50 1.61 -0.33 -15.71
CA GLY A 50 1.76 -0.99 -14.44
C GLY A 50 0.99 -0.42 -13.27
N LYS A 51 0.20 0.61 -13.52
CA LYS A 51 -0.52 1.29 -12.43
C LYS A 51 -2.03 1.43 -12.75
N THR A 52 -2.48 1.19 -13.98
CA THR A 52 -3.82 1.58 -14.38
C THR A 52 -4.90 0.99 -13.52
N LEU A 53 -4.71 -0.27 -13.14
CA LEU A 53 -5.77 -0.98 -12.39
C LEU A 53 -5.93 -0.44 -10.94
N ALA A 54 -4.92 0.32 -10.45
CA ALA A 54 -5.00 0.95 -9.12
C ALA A 54 -6.07 2.02 -9.07
N PHE A 55 -6.40 2.62 -10.23
CA PHE A 55 -7.50 3.56 -10.32
C PHE A 55 -8.66 3.06 -11.17
N ALA A 56 -8.41 2.20 -12.17
CA ALA A 56 -9.47 1.76 -13.04
C ALA A 56 -10.42 0.82 -12.31
N LEU A 57 -9.88 -0.06 -11.48
CA LEU A 57 -10.76 -0.99 -10.77
C LEU A 57 -11.61 -0.25 -9.71
N PRO A 58 -11.04 0.70 -8.94
CA PRO A 58 -11.89 1.50 -8.06
C PRO A 58 -12.99 2.26 -8.79
N ILE A 59 -12.68 2.81 -9.96
CA ILE A 59 -13.68 3.50 -10.75
C ILE A 59 -14.78 2.52 -11.15
N ALA A 60 -14.39 1.35 -11.71
CA ALA A 60 -15.34 0.30 -12.16
C ALA A 60 -16.24 -0.13 -11.00
N GLU A 61 -15.62 -0.31 -9.85
CA GLU A 61 -16.35 -0.78 -8.65
C GLU A 61 -17.29 0.22 -8.03
N ARG A 62 -16.86 1.48 -8.08
CA ARG A 62 -17.58 2.54 -7.38
C ARG A 62 -18.81 3.01 -8.17
N LEU A 63 -18.68 3.02 -9.49
CA LEU A 63 -19.68 3.62 -10.31
C LEU A 63 -20.65 2.57 -10.85
N ALA A 64 -21.91 2.77 -10.51
CA ALA A 64 -22.99 1.93 -11.01
C ALA A 64 -23.33 2.38 -12.45
N PRO A 65 -23.91 1.49 -13.22
CA PRO A 65 -24.34 1.85 -14.58
C PRO A 65 -25.38 3.01 -14.49
N SER A 66 -25.38 3.83 -15.53
CA SER A 66 -26.37 4.83 -15.76
C SER A 66 -26.69 4.92 -17.24
N GLN A 67 -27.99 5.21 -17.51
CA GLN A 67 -28.46 5.29 -18.88
C GLN A 67 -28.87 6.68 -19.29
N GLU A 68 -28.75 7.59 -18.33
CA GLU A 68 -29.24 8.98 -18.56
C GLU A 68 -28.57 9.65 -19.74
N ARG A 69 -29.38 10.15 -20.68
CA ARG A 69 -28.87 10.87 -21.86
C ARG A 69 -28.29 12.17 -21.37
N GLY A 70 -27.06 12.44 -21.83
CA GLY A 70 -26.42 13.71 -21.48
C GLY A 70 -25.77 13.75 -20.11
N ARG A 71 -25.71 12.58 -19.48
CA ARG A 71 -25.19 12.55 -18.13
C ARG A 71 -23.74 13.04 -18.07
N LYS A 72 -23.42 13.63 -16.92
CA LYS A 72 -22.09 14.15 -16.65
C LYS A 72 -21.20 13.13 -15.97
N PRO A 73 -19.92 13.19 -16.24
CA PRO A 73 -19.05 12.13 -15.78
C PRO A 73 -18.89 12.11 -14.28
N ARG A 74 -18.77 10.90 -13.77
CA ARG A 74 -18.57 10.71 -12.36
C ARG A 74 -17.10 10.38 -12.01
N ALA A 75 -16.27 10.18 -13.02
CA ALA A 75 -14.82 10.00 -12.84
C ALA A 75 -14.11 10.81 -13.90
N LEU A 76 -13.00 11.43 -13.48
CA LEU A 76 -12.12 12.24 -14.34
C LEU A 76 -10.70 11.77 -14.16
N VAL A 77 -10.08 11.27 -15.24
CA VAL A 77 -8.68 10.82 -15.20
C VAL A 77 -7.93 11.81 -16.09
N LEU A 78 -6.93 12.50 -15.57
CA LEU A 78 -6.09 13.39 -16.35
C LEU A 78 -4.79 12.71 -16.68
N THR A 79 -4.36 12.85 -17.93
CA THR A 79 -3.09 12.31 -18.42
C THR A 79 -2.28 13.45 -19.05
N PRO A 80 -0.93 13.35 -19.04
CA PRO A 80 -0.14 14.44 -19.58
C PRO A 80 -0.20 14.51 -21.14
N THR A 81 -0.36 13.35 -21.81
CA THR A 81 -0.24 13.31 -23.24
C THR A 81 -1.50 12.76 -23.89
N ARG A 82 -1.63 13.12 -25.15
CA ARG A 82 -2.70 12.66 -26.01
C ARG A 82 -2.65 11.13 -26.20
N GLU A 83 -1.42 10.61 -26.29
CA GLU A 83 -1.24 9.18 -26.51
C GLU A 83 -1.72 8.44 -25.28
N LEU A 84 -1.41 8.95 -24.11
CA LEU A 84 -1.83 8.30 -22.90
CA LEU A 84 -1.86 8.32 -22.88
C LEU A 84 -3.35 8.44 -22.65
N ALA A 85 -3.95 9.57 -23.06
CA ALA A 85 -5.39 9.70 -22.91
C ALA A 85 -6.08 8.58 -23.65
N LEU A 86 -5.63 8.32 -24.90
CA LEU A 86 -6.25 7.26 -25.67
C LEU A 86 -5.98 5.89 -25.00
N GLN A 87 -4.74 5.67 -24.57
CA GLN A 87 -4.33 4.39 -24.00
C GLN A 87 -5.10 4.06 -22.69
N VAL A 88 -5.17 5.04 -21.80
CA VAL A 88 -5.83 4.89 -20.50
C VAL A 88 -7.33 4.76 -20.71
N ALA A 89 -7.88 5.52 -21.69
CA ALA A 89 -9.34 5.36 -21.98
C ALA A 89 -9.59 3.92 -22.37
N SER A 90 -8.75 3.39 -23.26
CA SER A 90 -8.95 1.99 -23.70
C SER A 90 -8.86 0.99 -22.55
N GLU A 91 -7.85 1.19 -21.70
CA GLU A 91 -7.64 0.31 -20.56
C GLU A 91 -8.85 0.36 -19.61
N LEU A 92 -9.32 1.56 -19.32
CA LEU A 92 -10.44 1.72 -18.42
C LEU A 92 -11.72 1.15 -19.04
N THR A 93 -11.93 1.44 -20.34
CA THR A 93 -13.06 0.84 -21.04
C THR A 93 -13.12 -0.67 -20.83
N ALA A 94 -11.97 -1.36 -20.92
CA ALA A 94 -11.98 -2.79 -20.87
C ALA A 94 -12.38 -3.33 -19.48
N VAL A 95 -12.01 -2.60 -18.44
CA VAL A 95 -12.24 -3.13 -17.11
C VAL A 95 -13.49 -2.63 -16.49
N ALA A 96 -14.10 -1.61 -17.14
CA ALA A 96 -15.39 -1.07 -16.72
C ALA A 96 -16.43 -1.16 -17.85
N PRO A 97 -16.83 -2.37 -18.22
CA PRO A 97 -17.59 -2.52 -19.46
C PRO A 97 -19.03 -1.95 -19.31
N HIS A 98 -19.43 -1.68 -18.07
CA HIS A 98 -20.73 -1.12 -17.78
C HIS A 98 -20.74 0.38 -17.85
N LEU A 99 -19.57 1.02 -18.05
CA LEU A 99 -19.44 2.47 -18.04
C LEU A 99 -19.11 2.98 -19.47
N LYS A 100 -19.59 4.17 -19.77
CA LYS A 100 -19.19 4.89 -20.96
C LYS A 100 -18.01 5.80 -20.66
N VAL A 101 -16.90 5.43 -21.25
CA VAL A 101 -15.64 6.17 -21.13
C VAL A 101 -15.45 7.00 -22.37
N VAL A 102 -15.10 8.29 -22.17
CA VAL A 102 -14.87 9.21 -23.26
C VAL A 102 -13.48 9.85 -23.13
N ALA A 103 -12.63 9.62 -24.14
CA ALA A 103 -11.34 10.22 -24.24
C ALA A 103 -11.48 11.64 -24.83
N VAL A 104 -10.74 12.57 -24.23
CA VAL A 104 -10.71 13.99 -24.56
C VAL A 104 -9.25 14.45 -24.65
N TYR A 105 -8.86 14.99 -25.81
CA TYR A 105 -7.43 15.28 -26.06
C TYR A 105 -7.32 16.13 -27.34
N GLY A 106 -6.24 16.93 -27.38
CA GLY A 106 -5.96 17.72 -28.56
C GLY A 106 -5.28 16.95 -29.66
N GLY A 107 -4.90 17.69 -30.69
CA GLY A 107 -4.25 17.03 -31.81
C GLY A 107 -5.25 16.54 -32.83
N THR A 108 -6.49 16.98 -32.71
CA THR A 108 -7.56 16.67 -33.60
C THR A 108 -8.62 17.72 -33.38
N GLY A 109 -9.70 17.64 -34.14
CA GLY A 109 -10.74 18.61 -33.99
C GLY A 109 -11.58 18.49 -32.72
N TYR A 110 -12.56 19.36 -32.57
CA TYR A 110 -13.37 19.45 -31.33
C TYR A 110 -14.71 18.73 -31.46
N GLY A 111 -15.17 18.47 -32.70
CA GLY A 111 -16.54 17.97 -32.91
C GLY A 111 -16.88 16.63 -32.34
N LYS A 112 -16.06 15.63 -32.61
CA LYS A 112 -16.39 14.23 -32.21
C LYS A 112 -16.43 14.11 -30.66
N GLN A 113 -15.42 14.69 -30.02
CA GLN A 113 -15.38 14.67 -28.56
C GLN A 113 -16.50 15.45 -27.90
N LYS A 114 -16.81 16.62 -28.48
CA LYS A 114 -17.93 17.39 -27.97
C LYS A 114 -19.24 16.60 -28.11
N GLU A 115 -19.48 15.97 -29.27
CA GLU A 115 -20.70 15.12 -29.44
C GLU A 115 -20.76 13.99 -28.45
N ALA A 116 -19.62 13.34 -28.21
CA ALA A 116 -19.57 12.25 -27.24
C ALA A 116 -19.93 12.73 -25.84
N LEU A 117 -19.34 13.84 -25.41
CA LEU A 117 -19.68 14.42 -24.11
C LEU A 117 -21.15 14.81 -23.96
N LEU A 118 -21.72 15.38 -25.00
CA LEU A 118 -23.11 15.82 -24.93
C LEU A 118 -24.04 14.58 -24.88
N ARG A 119 -23.67 13.51 -25.56
CA ARG A 119 -24.42 12.27 -25.52
C ARG A 119 -24.43 11.70 -24.09
N GLY A 120 -23.33 11.92 -23.37
CA GLY A 120 -23.20 11.49 -22.03
C GLY A 120 -21.91 10.73 -21.77
N ALA A 121 -21.48 10.72 -20.54
CA ALA A 121 -20.21 10.06 -20.19
C ALA A 121 -20.28 9.67 -18.72
N ASP A 122 -19.74 8.48 -18.40
CA ASP A 122 -19.50 8.07 -17.02
C ASP A 122 -18.09 8.41 -16.51
N ALA A 123 -17.10 8.27 -17.39
CA ALA A 123 -15.70 8.59 -17.07
C ALA A 123 -15.16 9.36 -18.25
N VAL A 124 -14.38 10.38 -17.96
CA VAL A 124 -13.64 11.08 -18.99
C VAL A 124 -12.16 10.93 -18.69
N VAL A 125 -11.37 10.58 -19.69
CA VAL A 125 -9.91 10.50 -19.59
C VAL A 125 -9.46 11.63 -20.53
N ALA A 126 -8.73 12.59 -20.02
CA ALA A 126 -8.45 13.84 -20.76
C ALA A 126 -7.01 14.33 -20.54
N THR A 127 -6.48 15.00 -21.55
CA THR A 127 -5.38 15.88 -21.37
C THR A 127 -5.87 17.19 -20.78
N PRO A 128 -5.00 17.92 -20.05
CA PRO A 128 -5.52 19.03 -19.24
C PRO A 128 -5.98 20.23 -20.08
N GLY A 129 -5.29 20.49 -21.17
CA GLY A 129 -5.67 21.62 -21.98
C GLY A 129 -7.01 21.47 -22.65
N ARG A 130 -7.21 20.35 -23.33
CA ARG A 130 -8.50 20.09 -23.93
C ARG A 130 -9.62 20.02 -22.90
N ALA A 131 -9.38 19.37 -21.78
CA ALA A 131 -10.42 19.32 -20.73
C ALA A 131 -10.83 20.72 -20.25
N LEU A 132 -9.86 21.59 -20.04
CA LEU A 132 -10.18 22.92 -19.53
C LEU A 132 -10.95 23.68 -20.60
N ASP A 133 -10.55 23.51 -21.87
CA ASP A 133 -11.29 24.19 -22.96
C ASP A 133 -12.76 23.75 -22.98
N TYR A 134 -13.03 22.45 -22.87
CA TYR A 134 -14.41 21.99 -22.85
C TYR A 134 -15.13 22.44 -21.58
N LEU A 135 -14.41 22.58 -20.46
CA LEU A 135 -15.00 23.09 -19.20
C LEU A 135 -15.47 24.54 -19.49
N ARG A 136 -14.59 25.32 -20.11
CA ARG A 136 -14.90 26.72 -20.36
C ARG A 136 -16.05 26.84 -21.33
N GLN A 137 -16.13 25.99 -22.35
CA GLN A 137 -17.26 25.96 -23.27
C GLN A 137 -18.59 25.52 -22.60
N GLY A 138 -18.53 24.91 -21.42
CA GLY A 138 -19.74 24.37 -20.76
C GLY A 138 -20.14 23.00 -21.32
N VAL A 139 -19.24 22.38 -22.07
CA VAL A 139 -19.43 21.08 -22.66
C VAL A 139 -19.09 19.99 -21.64
N LEU A 140 -17.96 20.14 -20.96
CA LEU A 140 -17.52 19.24 -19.90
C LEU A 140 -18.00 19.80 -18.62
N ASP A 141 -18.78 19.03 -17.90
CA ASP A 141 -19.28 19.41 -16.60
C ASP A 141 -18.68 18.49 -15.60
N LEU A 142 -18.06 19.06 -14.58
CA LEU A 142 -17.32 18.28 -13.60
C LEU A 142 -18.02 18.23 -12.22
N SER A 143 -19.28 18.71 -12.16
CA SER A 143 -19.99 18.86 -10.91
C SER A 143 -20.45 17.56 -10.25
N ARG A 144 -20.29 16.45 -10.97
CA ARG A 144 -20.70 15.11 -10.47
C ARG A 144 -19.52 14.19 -10.28
N VAL A 145 -18.30 14.73 -10.41
CA VAL A 145 -17.11 13.90 -10.28
C VAL A 145 -16.98 13.42 -8.87
N GLU A 146 -16.86 12.07 -8.75
CA GLU A 146 -16.68 11.35 -7.49
C GLU A 146 -15.28 10.83 -7.33
N VAL A 147 -14.58 10.63 -8.45
CA VAL A 147 -13.21 10.17 -8.43
C VAL A 147 -12.41 10.97 -9.43
N ALA A 148 -11.31 11.59 -9.00
CA ALA A 148 -10.38 12.29 -9.88
C ALA A 148 -9.02 11.61 -9.77
N VAL A 149 -8.37 11.38 -10.90
CA VAL A 149 -7.10 10.72 -10.99
C VAL A 149 -6.17 11.60 -11.76
N LEU A 150 -4.95 11.77 -11.25
CA LEU A 150 -3.89 12.36 -12.00
C LEU A 150 -2.86 11.26 -12.30
N ASP A 151 -2.80 10.84 -13.53
CA ASP A 151 -1.88 9.80 -13.95
C ASP A 151 -0.64 10.40 -14.58
N GLU A 152 0.50 10.24 -13.96
CA GLU A 152 1.75 10.78 -14.37
C GLU A 152 1.90 12.28 -14.15
N ALA A 153 1.78 12.64 -12.87
CA ALA A 153 1.78 14.06 -12.47
C ALA A 153 3.08 14.73 -12.85
N ASP A 154 4.18 14.00 -12.78
CA ASP A 154 5.51 14.59 -13.06
CA ASP A 154 5.45 14.72 -12.98
C ASP A 154 5.63 15.15 -14.48
N GLU A 155 5.10 14.39 -15.44
CA GLU A 155 5.04 14.84 -16.83
C GLU A 155 4.10 15.98 -17.04
N MET A 156 3.00 16.01 -16.27
CA MET A 156 2.13 17.16 -16.33
CA MET A 156 2.12 17.16 -16.28
C MET A 156 2.92 18.39 -15.95
N LEU A 157 3.69 18.26 -14.88
CA LEU A 157 4.55 19.37 -14.47
C LEU A 157 5.55 19.79 -15.54
N SER A 158 6.27 18.81 -16.08
CA SER A 158 7.38 19.11 -17.02
C SER A 158 6.82 19.74 -18.33
N MET A 159 5.57 19.37 -18.68
CA MET A 159 4.90 19.89 -19.85
C MET A 159 4.29 21.26 -19.55
N GLY A 160 4.22 21.64 -18.29
CA GLY A 160 3.76 22.99 -18.00
C GLY A 160 2.26 23.11 -17.81
N PHE A 161 1.59 22.03 -17.44
CA PHE A 161 0.13 21.98 -17.26
C PHE A 161 -0.33 22.23 -15.80
N GLU A 162 0.52 22.77 -14.92
CA GLU A 162 0.12 22.96 -13.50
C GLU A 162 -1.14 23.76 -13.39
N GLU A 163 -1.22 24.90 -14.09
CA GLU A 163 -2.40 25.73 -13.90
C GLU A 163 -3.69 25.01 -14.31
N GLU A 164 -3.59 24.35 -15.46
CA GLU A 164 -4.77 23.66 -16.00
C GLU A 164 -5.21 22.55 -15.09
N VAL A 165 -4.27 21.78 -14.56
CA VAL A 165 -4.59 20.66 -13.65
C VAL A 165 -5.24 21.22 -12.36
N GLU A 166 -4.68 22.31 -11.83
CA GLU A 166 -5.26 22.88 -10.60
C GLU A 166 -6.65 23.42 -10.89
N ALA A 167 -6.87 24.06 -12.03
CA ALA A 167 -8.21 24.56 -12.34
C ALA A 167 -9.20 23.46 -12.46
N LEU A 168 -8.82 22.36 -13.14
CA LEU A 168 -9.71 21.26 -13.27
C LEU A 168 -10.07 20.63 -11.89
N LEU A 169 -9.07 20.39 -11.06
CA LEU A 169 -9.31 19.85 -9.73
C LEU A 169 -10.23 20.80 -8.93
N SER A 170 -9.98 22.12 -9.04
CA SER A 170 -10.77 23.03 -8.32
C SER A 170 -12.26 23.02 -8.76
N ALA A 171 -12.52 22.62 -10.01
CA ALA A 171 -13.86 22.56 -10.58
C ALA A 171 -14.63 21.31 -10.19
N THR A 172 -13.98 20.38 -9.50
CA THR A 172 -14.65 19.22 -9.04
C THR A 172 -15.04 19.33 -7.59
N PRO A 173 -16.00 18.54 -7.15
CA PRO A 173 -16.41 18.61 -5.73
C PRO A 173 -15.31 18.11 -4.79
N PRO A 174 -14.97 18.84 -3.74
CA PRO A 174 -13.93 18.36 -2.82
C PRO A 174 -14.30 17.09 -2.08
N SER A 175 -15.57 16.74 -2.08
CA SER A 175 -16.03 15.44 -1.52
C SER A 175 -15.48 14.22 -2.25
N ARG A 176 -14.98 14.44 -3.44
CA ARG A 176 -14.46 13.34 -4.22
C ARG A 176 -13.27 12.62 -3.62
N GLN A 177 -13.02 11.44 -4.18
CA GLN A 177 -11.81 10.71 -3.97
C GLN A 177 -10.81 11.15 -5.04
N THR A 178 -9.56 11.30 -4.60
CA THR A 178 -8.47 11.72 -5.48
C THR A 178 -7.30 10.72 -5.35
N LEU A 179 -6.85 10.29 -6.52
CA LEU A 179 -5.73 9.33 -6.65
C LEU A 179 -4.68 10.03 -7.51
N LEU A 180 -3.45 10.13 -7.02
CA LEU A 180 -2.37 10.85 -7.71
C LEU A 180 -1.20 9.88 -7.94
N PHE A 181 -0.75 9.75 -9.16
CA PHE A 181 0.34 8.85 -9.50
C PHE A 181 1.48 9.69 -10.05
N SER A 182 2.66 9.45 -9.53
CA SER A 182 3.88 10.34 -9.73
CA SER A 182 3.80 10.06 -10.09
C SER A 182 5.07 9.34 -9.67
N ALA A 183 6.01 9.32 -10.61
CA ALA A 183 7.27 8.59 -10.37
C ALA A 183 8.18 9.28 -9.31
N THR A 184 8.21 10.64 -9.24
CA THR A 184 9.20 11.39 -8.34
C THR A 184 8.89 12.27 -7.04
N LEU A 185 7.64 12.53 -6.96
CA LEU A 185 7.00 13.37 -5.99
C LEU A 185 7.70 14.75 -5.82
N PRO A 186 7.71 15.53 -6.89
CA PRO A 186 8.29 16.87 -6.80
C PRO A 186 7.41 17.80 -5.93
N SER A 187 7.98 18.93 -5.54
CA SER A 187 7.24 19.88 -4.74
C SER A 187 5.80 20.14 -5.20
N TRP A 188 5.64 20.38 -6.49
CA TRP A 188 4.29 20.66 -6.98
C TRP A 188 3.33 19.53 -6.60
N ALA A 189 3.75 18.28 -6.77
CA ALA A 189 2.90 17.19 -6.38
C ALA A 189 2.55 17.22 -4.91
N LYS A 190 3.55 17.55 -4.06
CA LYS A 190 3.28 17.61 -2.67
C LYS A 190 2.31 18.73 -2.33
N ARG A 191 2.43 19.85 -3.02
CA ARG A 191 1.47 20.97 -2.75
C ARG A 191 0.10 20.68 -3.33
N LEU A 192 0.04 19.92 -4.42
CA LEU A 192 -1.26 19.45 -4.90
C LEU A 192 -1.93 18.59 -3.87
N ALA A 193 -1.17 17.64 -3.34
CA ALA A 193 -1.68 16.78 -2.30
C ALA A 193 -2.23 17.57 -1.12
N GLU A 194 -1.46 18.57 -0.70
CA GLU A 194 -1.85 19.34 0.45
C GLU A 194 -3.19 20.08 0.19
N ARG A 195 -3.32 20.60 -1.03
CA ARG A 195 -4.47 21.39 -1.39
C ARG A 195 -5.70 20.57 -1.74
N TYR A 196 -5.49 19.49 -2.47
CA TYR A 196 -6.54 18.77 -3.15
C TYR A 196 -6.84 17.35 -2.66
N MET A 197 -6.08 16.85 -1.68
CA MET A 197 -6.27 15.50 -1.22
C MET A 197 -6.49 15.46 0.32
N LYS A 198 -7.14 14.39 0.71
CA LYS A 198 -7.62 14.18 2.04
C LYS A 198 -6.78 13.07 2.72
N ASN A 199 -5.81 13.50 3.54
CA ASN A 199 -4.97 12.57 4.33
C ASN A 199 -4.47 11.39 3.47
N PRO A 200 -3.91 11.68 2.29
CA PRO A 200 -3.53 10.57 1.47
C PRO A 200 -2.42 9.68 2.04
N VAL A 201 -2.58 8.39 1.79
CA VAL A 201 -1.52 7.45 2.07
C VAL A 201 -0.62 7.48 0.81
N LEU A 202 0.68 7.53 1.05
CA LEU A 202 1.68 7.41 0.03
C LEU A 202 2.17 5.98 -0.05
N ILE A 203 2.25 5.44 -1.25
CA ILE A 203 2.78 4.13 -1.49
C ILE A 203 3.82 4.29 -2.57
N ASN A 204 5.06 3.97 -2.24
CA ASN A 204 6.21 4.19 -3.11
C ASN A 204 6.87 2.83 -3.36
N VAL A 205 6.78 2.37 -4.61
CA VAL A 205 7.31 1.11 -5.00
C VAL A 205 8.58 1.23 -5.82
N ILE A 206 9.10 2.44 -5.93
CA ILE A 206 10.25 2.68 -6.82
C ILE A 206 11.46 1.87 -6.31
N LYS A 207 12.12 1.17 -7.23
CA LYS A 207 13.23 0.27 -6.86
C LYS A 207 14.58 0.93 -7.09
N MET B 1 -11.66 -2.79 2.93
CA MET B 1 -11.60 -4.24 3.18
C MET B 1 -11.51 -4.49 4.68
N GLU B 2 -12.26 -5.50 5.14
CA GLU B 2 -12.12 -6.04 6.48
C GLU B 2 -11.06 -7.11 6.41
N PHE B 3 -10.55 -7.49 7.57
CA PHE B 3 -9.66 -8.63 7.60
C PHE B 3 -10.23 -9.89 6.89
N LYS B 4 -11.56 -10.13 7.00
CA LYS B 4 -12.29 -11.27 6.36
C LYS B 4 -12.04 -11.28 4.85
N ASP B 5 -11.77 -10.10 4.29
CA ASP B 5 -11.60 -9.91 2.87
C ASP B 5 -10.21 -10.21 2.31
N PHE B 6 -9.29 -10.49 3.21
CA PHE B 6 -7.94 -10.94 2.85
C PHE B 6 -7.83 -12.45 2.90
N PRO B 7 -6.93 -13.00 2.07
CA PRO B 7 -6.75 -14.45 2.01
C PRO B 7 -5.96 -14.99 3.23
N LEU B 8 -6.68 -15.08 4.35
CA LEU B 8 -6.15 -15.56 5.62
C LEU B 8 -6.73 -16.93 6.00
N LYS B 9 -5.91 -17.79 6.63
CA LYS B 9 -6.36 -19.10 7.09
C LYS B 9 -7.59 -18.95 7.98
N PRO B 10 -8.53 -19.91 7.89
CA PRO B 10 -9.77 -19.76 8.65
C PRO B 10 -9.53 -19.55 10.17
N GLU B 11 -8.53 -20.26 10.71
CA GLU B 11 -8.14 -20.20 12.13
C GLU B 11 -7.67 -18.79 12.53
N ILE B 12 -6.97 -18.11 11.61
CA ILE B 12 -6.51 -16.72 11.87
C ILE B 12 -7.73 -15.76 11.88
N LEU B 13 -8.60 -15.88 10.87
CA LEU B 13 -9.82 -15.05 10.83
C LEU B 13 -10.68 -15.24 12.10
N GLU B 14 -10.78 -16.48 12.57
CA GLU B 14 -11.59 -16.76 13.77
C GLU B 14 -10.92 -16.15 15.01
N ALA B 15 -9.57 -16.19 15.06
CA ALA B 15 -8.79 -15.58 16.19
C ALA B 15 -8.98 -14.06 16.16
N LEU B 16 -8.85 -13.45 14.98
CA LEU B 16 -9.22 -12.01 14.86
C LEU B 16 -10.65 -11.67 15.32
N HIS B 17 -11.64 -12.40 14.80
CA HIS B 17 -13.07 -12.20 15.10
C HIS B 17 -13.36 -12.21 16.59
N GLY B 18 -12.74 -13.19 17.26
CA GLY B 18 -12.88 -13.39 18.71
C GLY B 18 -12.35 -12.23 19.53
N ARG B 19 -11.34 -11.54 18.98
CA ARG B 19 -10.74 -10.39 19.65
C ARG B 19 -11.38 -9.05 19.25
N GLY B 20 -12.44 -9.08 18.43
CA GLY B 20 -13.08 -7.85 17.91
C GLY B 20 -12.19 -7.08 16.97
N LEU B 21 -11.25 -7.77 16.34
CA LEU B 21 -10.36 -7.18 15.34
C LEU B 21 -10.97 -7.45 13.95
N THR B 22 -11.50 -6.41 13.34
CA THR B 22 -12.31 -6.51 12.13
C THR B 22 -11.72 -5.71 10.95
N THR B 23 -11.11 -4.55 11.27
CA THR B 23 -10.79 -3.51 10.30
C THR B 23 -9.30 -3.10 10.35
N PRO B 24 -8.56 -3.37 9.25
CA PRO B 24 -7.18 -2.93 9.23
C PRO B 24 -7.12 -1.40 9.31
N THR B 25 -6.13 -0.90 10.01
CA THR B 25 -5.81 0.51 9.94
C THR B 25 -5.26 0.79 8.52
N PRO B 26 -5.24 2.06 8.11
CA PRO B 26 -4.80 2.29 6.75
C PRO B 26 -3.40 1.70 6.41
N ILE B 27 -2.45 1.81 7.34
CA ILE B 27 -1.12 1.26 7.06
C ILE B 27 -1.20 -0.24 6.86
N GLU B 28 -2.01 -0.92 7.68
CA GLU B 28 -2.25 -2.35 7.58
C GLU B 28 -2.92 -2.72 6.23
N ALA B 29 -3.93 -1.93 5.85
CA ALA B 29 -4.73 -2.14 4.65
C ALA B 29 -3.78 -2.15 3.45
N ALA B 30 -2.87 -1.16 3.43
CA ALA B 30 -1.96 -1.03 2.26
C ALA B 30 -0.82 -2.09 2.31
N ALA B 31 -0.39 -2.40 3.52
CA ALA B 31 0.78 -3.30 3.73
C ALA B 31 0.42 -4.77 3.49
N LEU B 32 -0.76 -5.19 3.86
CA LEU B 32 -1.07 -6.63 3.88
C LEU B 32 -0.91 -7.34 2.53
N PRO B 33 -1.42 -6.72 1.40
CA PRO B 33 -1.27 -7.48 0.14
C PRO B 33 0.20 -7.84 -0.17
N LEU B 34 1.11 -6.90 0.07
CA LEU B 34 2.54 -7.15 -0.21
C LEU B 34 3.17 -8.04 0.84
N ALA B 35 2.88 -7.75 2.10
CA ALA B 35 3.45 -8.50 3.20
C ALA B 35 3.01 -9.97 3.18
N LEU B 36 1.74 -10.24 2.90
CA LEU B 36 1.26 -11.61 2.76
C LEU B 36 1.98 -12.39 1.64
N GLU B 37 2.57 -11.71 0.65
CA GLU B 37 3.27 -12.41 -0.42
C GLU B 37 4.78 -12.40 -0.19
N GLY B 38 5.20 -12.09 1.03
CA GLY B 38 6.59 -12.13 1.39
C GLY B 38 7.48 -10.95 1.10
N LYS B 39 6.90 -9.86 0.61
CA LYS B 39 7.67 -8.71 0.22
C LYS B 39 8.09 -7.82 1.38
N ASP B 40 9.22 -7.14 1.20
CA ASP B 40 9.77 -6.20 2.18
C ASP B 40 9.03 -4.88 2.12
N LEU B 41 8.80 -4.29 3.29
CA LEU B 41 8.01 -3.10 3.40
C LEU B 41 8.64 -2.22 4.47
N ILE B 42 8.53 -0.91 4.25
CA ILE B 42 8.79 0.12 5.24
C ILE B 42 7.45 0.79 5.52
N GLY B 43 7.05 0.79 6.79
CA GLY B 43 5.76 1.41 7.20
C GLY B 43 6.14 2.64 8.03
N GLN B 44 5.69 3.78 7.54
CA GLN B 44 5.95 5.04 8.21
CA GLN B 44 5.93 5.09 8.17
C GLN B 44 4.60 5.64 8.66
N ALA B 45 4.43 5.69 9.97
CA ALA B 45 3.22 6.12 10.64
C ALA B 45 3.60 6.75 11.97
N ARG B 46 2.70 7.61 12.45
CA ARG B 46 2.88 8.33 13.71
C ARG B 46 3.15 7.33 14.82
N THR B 47 4.14 7.64 15.68
CA THR B 47 4.61 6.67 16.67
C THR B 47 3.44 6.16 17.52
N GLY B 48 3.51 4.87 17.85
CA GLY B 48 2.47 4.23 18.66
C GLY B 48 1.17 3.96 17.91
N THR B 49 1.02 4.51 16.69
CA THR B 49 -0.18 4.24 15.87
C THR B 49 -0.34 2.76 15.52
N GLY B 50 -1.56 2.35 15.25
CA GLY B 50 -1.73 0.91 15.20
C GLY B 50 -1.31 0.29 13.89
N LYS B 51 -0.32 -0.62 13.95
CA LYS B 51 0.19 -1.30 12.75
C LYS B 51 0.57 -2.76 13.03
N THR B 52 0.25 -3.27 14.21
CA THR B 52 0.77 -4.57 14.58
C THR B 52 0.37 -5.70 13.64
N LEU B 53 -0.86 -5.61 13.13
CA LEU B 53 -1.37 -6.68 12.27
C LEU B 53 -0.68 -6.68 10.89
N ALA B 54 -0.01 -5.56 10.50
CA ALA B 54 0.75 -5.50 9.27
C ALA B 54 1.88 -6.48 9.26
N PHE B 55 2.41 -6.81 10.43
CA PHE B 55 3.41 -7.89 10.47
C PHE B 55 2.93 -9.15 11.19
N ALA B 56 2.03 -9.04 12.15
CA ALA B 56 1.64 -10.23 12.91
C ALA B 56 0.86 -11.21 11.97
N LEU B 57 -0.03 -10.69 11.13
CA LEU B 57 -0.82 -11.56 10.24
C LEU B 57 0.08 -12.22 9.19
N PRO B 58 1.01 -11.46 8.59
CA PRO B 58 1.94 -12.17 7.69
C PRO B 58 2.76 -13.28 8.35
N ILE B 59 3.21 -13.05 9.58
CA ILE B 59 3.87 -14.12 10.35
C ILE B 59 2.93 -15.30 10.60
N ALA B 60 1.71 -15.01 11.09
CA ALA B 60 0.67 -16.07 11.35
C ALA B 60 0.40 -16.91 10.08
N GLU B 61 0.26 -16.21 8.97
CA GLU B 61 -0.09 -16.83 7.70
C GLU B 61 1.08 -17.61 7.09
N ARG B 62 2.29 -17.08 7.23
CA ARG B 62 3.44 -17.65 6.56
C ARG B 62 3.97 -18.86 7.33
N LEU B 63 3.85 -18.88 8.63
CA LEU B 63 4.49 -19.98 9.40
C LEU B 63 3.49 -21.06 9.75
N ALA B 64 3.76 -22.27 9.25
CA ALA B 64 3.08 -23.50 9.69
C ALA B 64 3.55 -23.93 11.11
N PRO B 65 2.66 -24.62 11.85
CA PRO B 65 3.05 -25.06 13.19
C PRO B 65 4.20 -26.09 13.16
N SER B 66 4.97 -26.12 14.25
CA SER B 66 6.01 -27.17 14.45
C SER B 66 6.04 -27.51 15.91
N GLN B 67 6.31 -28.80 16.17
CA GLN B 67 6.49 -29.34 17.54
C GLN B 67 7.96 -29.57 17.89
N GLU B 68 8.82 -29.62 16.87
CA GLU B 68 10.24 -29.99 16.98
C GLU B 68 10.89 -29.33 18.19
N ARG B 69 11.36 -30.13 19.14
CA ARG B 69 12.04 -29.62 20.35
C ARG B 69 13.36 -28.92 19.99
N GLY B 70 13.60 -27.80 20.67
CA GLY B 70 14.78 -26.96 20.49
C GLY B 70 14.82 -26.29 19.14
N ARG B 71 13.70 -26.26 18.42
CA ARG B 71 13.72 -25.58 17.13
C ARG B 71 13.96 -24.09 17.29
N LYS B 72 14.68 -23.60 16.28
CA LYS B 72 15.03 -22.22 16.17
C LYS B 72 13.83 -21.38 15.68
N PRO B 73 13.75 -20.11 16.12
CA PRO B 73 12.66 -19.26 15.65
C PRO B 73 12.70 -18.96 14.12
N ARG B 74 11.50 -18.93 13.56
CA ARG B 74 11.29 -18.57 12.15
C ARG B 74 10.84 -17.12 11.93
N ALA B 75 10.55 -16.40 13.03
CA ALA B 75 10.26 -14.95 13.00
C ALA B 75 10.95 -14.25 14.14
N LEU B 76 11.55 -13.08 13.84
CA LEU B 76 12.21 -12.22 14.81
C LEU B 76 11.60 -10.84 14.74
N VAL B 77 11.08 -10.34 15.85
CA VAL B 77 10.63 -8.97 15.97
C VAL B 77 11.52 -8.28 16.98
N LEU B 78 12.20 -7.23 16.57
CA LEU B 78 12.97 -6.36 17.46
C LEU B 78 12.17 -5.11 17.80
N THR B 79 12.11 -4.80 19.09
CA THR B 79 11.41 -3.66 19.60
C THR B 79 12.21 -3.01 20.74
N PRO B 80 11.95 -1.74 21.03
CA PRO B 80 12.90 -1.07 21.87
C PRO B 80 12.85 -1.42 23.35
N THR B 81 11.65 -1.82 23.84
CA THR B 81 11.43 -1.94 25.28
C THR B 81 10.71 -3.22 25.66
N ARG B 82 10.91 -3.60 26.94
CA ARG B 82 10.23 -4.73 27.55
C ARG B 82 8.75 -4.60 27.38
N GLU B 83 8.25 -3.39 27.61
CA GLU B 83 6.81 -3.11 27.56
C GLU B 83 6.24 -3.41 26.17
N LEU B 84 6.94 -2.95 25.13
CA LEU B 84 6.53 -3.24 23.74
C LEU B 84 6.75 -4.71 23.39
N ALA B 85 7.85 -5.29 23.84
CA ALA B 85 8.08 -6.76 23.63
C ALA B 85 6.90 -7.57 24.18
N LEU B 86 6.47 -7.24 25.39
CA LEU B 86 5.36 -7.96 26.06
C LEU B 86 4.01 -7.76 25.34
N GLN B 87 3.75 -6.51 24.91
CA GLN B 87 2.54 -6.12 24.20
C GLN B 87 2.48 -6.75 22.78
N VAL B 88 3.54 -6.58 22.01
CA VAL B 88 3.61 -7.26 20.70
C VAL B 88 3.52 -8.80 20.78
N ALA B 89 4.28 -9.43 21.69
CA ALA B 89 4.26 -10.88 21.86
C ALA B 89 2.83 -11.33 22.13
N SER B 90 2.14 -10.62 22.99
CA SER B 90 0.76 -10.90 23.38
C SER B 90 -0.18 -10.83 22.16
N GLU B 91 0.00 -9.80 21.34
CA GLU B 91 -0.84 -9.61 20.15
C GLU B 91 -0.54 -10.71 19.13
N LEU B 92 0.73 -11.09 19.01
CA LEU B 92 1.14 -12.05 18.02
C LEU B 92 0.65 -13.42 18.44
N THR B 93 0.86 -13.78 19.71
CA THR B 93 0.39 -15.03 20.29
C THR B 93 -1.12 -15.20 20.03
N ALA B 94 -1.88 -14.11 20.17
CA ALA B 94 -3.34 -14.13 19.89
C ALA B 94 -3.73 -14.33 18.43
N VAL B 95 -2.99 -13.75 17.48
CA VAL B 95 -3.35 -13.96 16.07
C VAL B 95 -2.66 -15.15 15.40
N ALA B 96 -1.65 -15.76 16.04
CA ALA B 96 -0.93 -16.94 15.58
C ALA B 96 -0.97 -18.02 16.67
N PRO B 97 -2.21 -18.49 16.99
CA PRO B 97 -2.42 -19.51 18.03
C PRO B 97 -1.63 -20.80 17.80
N HIS B 98 -1.29 -21.11 16.56
CA HIS B 98 -0.45 -22.25 16.21
C HIS B 98 1.07 -22.12 16.44
N LEU B 99 1.58 -20.91 16.75
CA LEU B 99 3.05 -20.64 16.81
C LEU B 99 3.53 -20.50 18.24
N LYS B 100 4.75 -20.97 18.52
CA LYS B 100 5.36 -20.68 19.82
C LYS B 100 6.09 -19.31 19.75
N VAL B 101 5.54 -18.32 20.47
CA VAL B 101 6.11 -16.91 20.62
C VAL B 101 6.78 -16.70 21.98
N VAL B 102 8.03 -16.26 21.97
CA VAL B 102 8.78 -16.04 23.19
C VAL B 102 9.25 -14.56 23.23
N ALA B 103 8.91 -13.85 24.31
CA ALA B 103 9.44 -12.50 24.53
C ALA B 103 10.79 -12.57 25.27
N VAL B 104 11.70 -11.71 24.82
CA VAL B 104 13.11 -11.67 25.19
C VAL B 104 13.45 -10.20 25.51
N TYR B 105 13.95 -9.96 26.74
CA TYR B 105 14.30 -8.60 27.14
C TYR B 105 15.17 -8.62 28.39
N GLY B 106 15.98 -7.59 28.56
CA GLY B 106 16.88 -7.51 29.72
C GLY B 106 16.15 -6.89 30.87
N GLY B 107 16.92 -6.72 31.94
CA GLY B 107 16.41 -6.31 33.25
C GLY B 107 15.77 -7.48 34.01
N THR B 108 16.19 -8.73 33.74
CA THR B 108 15.87 -9.85 34.53
C THR B 108 16.99 -10.88 34.20
N GLY B 109 16.85 -12.06 34.79
CA GLY B 109 17.87 -13.05 34.53
C GLY B 109 17.86 -13.68 33.15
N TYR B 110 18.86 -14.53 32.93
CA TYR B 110 18.99 -15.36 31.71
C TYR B 110 18.27 -16.70 31.60
N GLY B 111 17.91 -17.30 32.74
CA GLY B 111 17.52 -18.74 32.76
C GLY B 111 16.25 -19.09 32.00
N LYS B 112 15.16 -18.43 32.43
CA LYS B 112 13.81 -18.58 32.01
C LYS B 112 13.72 -18.45 30.42
N GLN B 113 14.27 -17.35 29.88
CA GLN B 113 14.19 -17.08 28.46
C GLN B 113 15.14 -18.07 27.78
N LYS B 114 16.26 -18.42 28.44
CA LYS B 114 17.29 -19.32 27.81
C LYS B 114 16.67 -20.70 27.59
N GLU B 115 15.79 -21.04 28.54
CA GLU B 115 15.17 -22.37 28.66
C GLU B 115 14.08 -22.42 27.63
N ALA B 116 13.40 -21.30 27.38
CA ALA B 116 12.40 -21.23 26.26
C ALA B 116 13.04 -21.34 24.87
N LEU B 117 14.03 -20.52 24.59
CA LEU B 117 14.84 -20.69 23.39
C LEU B 117 15.35 -22.13 23.24
N LEU B 118 15.90 -22.73 24.31
CA LEU B 118 16.48 -24.10 24.17
C LEU B 118 15.44 -25.25 23.94
N ARG B 119 14.25 -25.06 24.55
CA ARG B 119 13.03 -25.83 24.33
C ARG B 119 12.51 -25.69 22.86
N GLY B 120 12.20 -24.44 22.50
CA GLY B 120 11.56 -24.22 21.22
C GLY B 120 10.91 -22.87 21.08
N ALA B 121 11.09 -22.32 19.88
CA ALA B 121 10.42 -21.08 19.54
C ALA B 121 10.15 -21.04 18.06
N ASP B 122 8.97 -20.53 17.77
CA ASP B 122 8.68 -20.07 16.37
C ASP B 122 8.81 -18.61 16.07
N ALA B 123 8.48 -17.76 17.05
CA ALA B 123 8.70 -16.32 16.93
C ALA B 123 9.29 -15.79 18.22
N VAL B 124 10.33 -14.98 18.09
CA VAL B 124 10.96 -14.30 19.19
C VAL B 124 10.70 -12.78 19.02
N VAL B 125 10.17 -12.15 20.07
CA VAL B 125 9.95 -10.71 20.14
C VAL B 125 10.91 -10.19 21.23
N ALA B 126 11.94 -9.45 20.82
CA ALA B 126 13.15 -9.18 21.62
C ALA B 126 13.54 -7.69 21.63
N THR B 127 14.07 -7.25 22.75
CA THR B 127 14.78 -5.98 22.78
C THR B 127 16.20 -6.35 22.33
N PRO B 128 16.87 -5.41 21.62
CA PRO B 128 18.09 -5.80 20.87
C PRO B 128 19.24 -6.17 21.77
N GLY B 129 19.39 -5.50 22.92
CA GLY B 129 20.59 -5.78 23.76
C GLY B 129 20.51 -7.21 24.29
N ARG B 130 19.36 -7.57 24.84
CA ARG B 130 19.20 -8.92 25.42
C ARG B 130 19.27 -9.96 24.31
N ALA B 131 18.67 -9.69 23.15
CA ALA B 131 18.74 -10.62 22.01
C ALA B 131 20.18 -10.92 21.60
N LEU B 132 21.00 -9.89 21.51
CA LEU B 132 22.42 -10.06 21.12
C LEU B 132 23.23 -10.85 22.18
N ASP B 133 22.93 -10.60 23.45
CA ASP B 133 23.55 -11.30 24.60
C ASP B 133 23.38 -12.82 24.25
N TYR B 134 22.16 -13.16 23.88
CA TYR B 134 21.94 -14.53 23.39
C TYR B 134 22.56 -15.15 22.13
N LEU B 135 22.62 -14.40 21.04
CA LEU B 135 23.32 -14.83 19.83
C LEU B 135 24.83 -15.17 20.09
N ARG B 136 25.52 -14.37 20.91
CA ARG B 136 26.98 -14.60 21.08
C ARG B 136 27.27 -15.69 22.09
N GLN B 137 26.30 -15.88 22.99
CA GLN B 137 26.23 -17.05 23.81
C GLN B 137 26.06 -18.35 22.97
N GLY B 138 25.29 -18.30 21.87
CA GLY B 138 25.00 -19.55 21.07
C GLY B 138 23.63 -20.15 21.39
N VAL B 139 22.92 -19.50 22.31
CA VAL B 139 21.56 -19.83 22.74
C VAL B 139 20.38 -19.38 21.79
N LEU B 140 20.52 -18.17 21.23
CA LEU B 140 19.64 -17.66 20.13
C LEU B 140 20.31 -17.97 18.82
N ASP B 141 19.58 -18.76 18.01
CA ASP B 141 20.04 -19.11 16.71
C ASP B 141 19.04 -18.43 15.84
N LEU B 142 19.58 -17.62 14.94
CA LEU B 142 18.79 -16.84 14.03
C LEU B 142 18.91 -17.38 12.58
N SER B 143 19.43 -18.61 12.38
CA SER B 143 19.80 -19.11 11.03
C SER B 143 18.63 -19.60 10.18
N ARG B 144 17.52 -19.84 10.87
CA ARG B 144 16.21 -20.14 10.27
C ARG B 144 15.18 -18.98 10.24
N VAL B 145 15.55 -17.78 10.66
CA VAL B 145 14.58 -16.66 10.56
C VAL B 145 14.13 -16.45 9.11
N GLU B 146 12.80 -16.45 8.94
CA GLU B 146 12.13 -16.21 7.63
C GLU B 146 11.58 -14.80 7.52
N VAL B 147 11.19 -14.22 8.67
CA VAL B 147 10.56 -12.88 8.70
C VAL B 147 11.23 -12.12 9.86
N ALA B 148 11.92 -10.98 9.57
CA ALA B 148 12.43 -10.07 10.60
C ALA B 148 11.63 -8.75 10.56
N VAL B 149 11.32 -8.21 11.73
CA VAL B 149 10.51 -7.01 11.89
C VAL B 149 11.26 -6.07 12.79
N LEU B 150 11.36 -4.81 12.38
CA LEU B 150 11.94 -3.78 13.21
C LEU B 150 10.83 -2.85 13.63
N ASP B 151 10.46 -2.90 14.88
CA ASP B 151 9.35 -2.13 15.42
C ASP B 151 9.91 -0.89 16.08
N GLU B 152 9.23 0.24 15.90
CA GLU B 152 9.65 1.52 16.47
C GLU B 152 11.15 1.75 16.27
N ALA B 153 11.58 1.67 15.00
CA ALA B 153 13.00 1.73 14.68
C ALA B 153 13.63 3.04 15.12
N ASP B 154 12.86 4.12 15.11
CA ASP B 154 13.39 5.42 15.51
C ASP B 154 13.76 5.46 16.98
N GLU B 155 12.94 4.78 17.78
CA GLU B 155 13.20 4.64 19.22
C GLU B 155 14.39 3.73 19.46
N MET B 156 14.46 2.62 18.70
CA MET B 156 15.65 1.77 18.82
C MET B 156 16.94 2.57 18.56
N LEU B 157 16.89 3.44 17.56
CA LEU B 157 17.99 4.35 17.21
C LEU B 157 18.31 5.36 18.35
N SER B 158 17.26 5.97 18.90
CA SER B 158 17.44 6.94 19.96
C SER B 158 18.02 6.32 21.22
N MET B 159 17.62 5.09 21.47
CA MET B 159 18.17 4.33 22.60
C MET B 159 19.62 3.85 22.45
N GLY B 160 20.15 3.90 21.23
CA GLY B 160 21.54 3.54 20.96
C GLY B 160 21.74 2.07 20.60
N PHE B 161 20.69 1.48 20.03
CA PHE B 161 20.73 0.04 19.64
C PHE B 161 21.14 -0.25 18.17
N GLU B 162 21.59 0.74 17.44
CA GLU B 162 21.92 0.59 16.01
C GLU B 162 22.78 -0.61 15.71
N GLU B 163 23.89 -0.74 16.45
CA GLU B 163 24.90 -1.79 16.18
C GLU B 163 24.34 -3.17 16.50
N GLU B 164 23.48 -3.23 17.51
CA GLU B 164 22.88 -4.49 17.97
C GLU B 164 21.83 -4.98 16.95
N VAL B 165 21.00 -4.04 16.51
CA VAL B 165 20.00 -4.34 15.51
C VAL B 165 20.66 -4.86 14.25
N GLU B 166 21.72 -4.18 13.80
CA GLU B 166 22.48 -4.61 12.59
C GLU B 166 23.11 -5.98 12.76
N ALA B 167 23.79 -6.18 13.89
CA ALA B 167 24.38 -7.49 14.15
C ALA B 167 23.31 -8.60 14.16
N LEU B 168 22.14 -8.35 14.75
CA LEU B 168 21.04 -9.34 14.79
C LEU B 168 20.50 -9.64 13.39
N LEU B 169 20.27 -8.61 12.58
CA LEU B 169 19.84 -8.80 11.18
C LEU B 169 20.91 -9.54 10.38
N SER B 170 22.20 -9.21 10.61
CA SER B 170 23.29 -9.88 9.92
C SER B 170 23.34 -11.40 10.28
N ALA B 171 22.76 -11.79 11.41
CA ALA B 171 22.80 -13.19 11.86
C ALA B 171 21.65 -14.02 11.27
N THR B 172 20.76 -13.35 10.53
CA THR B 172 19.65 -13.94 9.82
C THR B 172 20.04 -14.08 8.31
N PRO B 173 19.39 -15.00 7.61
CA PRO B 173 19.61 -15.22 6.18
C PRO B 173 19.10 -14.04 5.40
N PRO B 174 19.92 -13.56 4.40
CA PRO B 174 19.36 -12.46 3.67
C PRO B 174 18.13 -12.84 2.86
N SER B 175 17.81 -14.13 2.71
CA SER B 175 16.64 -14.58 1.98
C SER B 175 15.33 -14.30 2.72
N ARG B 176 15.41 -13.80 3.96
CA ARG B 176 14.22 -13.52 4.73
C ARG B 176 13.44 -12.35 4.15
N GLN B 177 12.23 -12.25 4.64
CA GLN B 177 11.38 -11.05 4.49
C GLN B 177 11.69 -10.10 5.66
N THR B 178 11.85 -8.80 5.37
CA THR B 178 12.11 -7.82 6.40
C THR B 178 11.01 -6.72 6.31
N LEU B 179 10.51 -6.33 7.49
CA LEU B 179 9.50 -5.29 7.63
C LEU B 179 10.08 -4.26 8.61
N LEU B 180 10.11 -2.99 8.21
CA LEU B 180 10.74 -1.89 8.97
C LEU B 180 9.67 -0.86 9.23
N PHE B 181 9.53 -0.51 10.52
CA PHE B 181 8.57 0.53 10.91
C PHE B 181 9.36 1.68 11.51
N SER B 182 9.30 2.83 10.83
CA SER B 182 9.98 4.03 11.27
C SER B 182 9.09 5.24 11.07
N ALA B 183 8.93 6.05 12.13
CA ALA B 183 8.03 7.22 12.06
C ALA B 183 8.58 8.28 11.09
N THR B 184 9.91 8.43 11.09
CA THR B 184 10.54 9.60 10.45
C THR B 184 11.59 9.31 9.38
N LEU B 185 11.93 8.02 9.20
CA LEU B 185 12.89 7.55 8.19
C LEU B 185 14.22 8.37 8.20
N PRO B 186 14.88 8.40 9.37
CA PRO B 186 16.20 9.05 9.49
C PRO B 186 17.23 8.30 8.68
N SER B 187 18.45 8.85 8.58
CA SER B 187 19.53 8.22 7.83
C SER B 187 19.79 6.74 8.15
N TRP B 188 19.68 6.34 9.44
CA TRP B 188 19.91 4.97 9.81
C TRP B 188 18.88 4.04 9.19
N ALA B 189 17.63 4.47 9.22
CA ALA B 189 16.57 3.67 8.62
C ALA B 189 16.84 3.49 7.12
N LYS B 190 17.34 4.54 6.47
CA LYS B 190 17.55 4.47 5.03
C LYS B 190 18.74 3.55 4.77
N ARG B 191 19.73 3.60 5.65
CA ARG B 191 20.86 2.63 5.59
C ARG B 191 20.37 1.18 5.75
N LEU B 192 19.45 0.97 6.69
CA LEU B 192 18.84 -0.36 6.88
C LEU B 192 18.15 -0.83 5.63
N ALA B 193 17.36 0.05 5.02
CA ALA B 193 16.62 -0.31 3.85
C ALA B 193 17.58 -0.72 2.71
N GLU B 194 18.65 0.03 2.54
CA GLU B 194 19.66 -0.21 1.50
C GLU B 194 20.44 -1.51 1.78
N ARG B 195 20.81 -1.75 3.04
CA ARG B 195 21.75 -2.86 3.35
C ARG B 195 21.05 -4.15 3.70
N TYR B 196 19.88 -4.06 4.30
CA TYR B 196 19.19 -5.22 4.81
C TYR B 196 17.79 -5.52 4.24
N MET B 197 17.40 -4.81 3.20
CA MET B 197 16.07 -5.06 2.62
C MET B 197 16.18 -5.19 1.12
N LYS B 198 15.16 -5.82 0.53
CA LYS B 198 15.11 -6.13 -0.90
C LYS B 198 13.97 -5.32 -1.50
N ASN B 199 14.32 -4.28 -2.25
CA ASN B 199 13.34 -3.48 -3.00
C ASN B 199 12.11 -3.14 -2.14
N PRO B 200 12.36 -2.64 -0.92
CA PRO B 200 11.21 -2.43 -0.02
C PRO B 200 10.21 -1.39 -0.52
N VAL B 201 8.92 -1.70 -0.35
CA VAL B 201 7.88 -0.75 -0.68
C VAL B 201 7.70 0.13 0.57
N LEU B 202 7.62 1.44 0.36
CA LEU B 202 7.35 2.41 1.41
C LEU B 202 5.86 2.73 1.43
N ILE B 203 5.29 2.62 2.60
CA ILE B 203 3.91 3.00 2.86
C ILE B 203 4.00 4.08 3.92
N ASN B 204 3.53 5.31 3.60
CA ASN B 204 3.60 6.45 4.51
C ASN B 204 2.20 7.03 4.76
N VAL B 205 1.70 6.90 6.00
CA VAL B 205 0.34 7.24 6.48
C VAL B 205 0.26 8.36 7.52
N ILE B 206 1.33 9.14 7.56
CA ILE B 206 1.52 10.32 8.24
C ILE B 206 0.89 11.12 7.08
N LYS B 207 -0.24 11.68 7.39
CA LYS B 207 -1.13 12.28 6.39
C LYS B 207 -0.48 13.52 5.71
#